data_2WGP
#
_entry.id   2WGP
#
_cell.length_a   85.011
_cell.length_b   85.011
_cell.length_c   115.112
_cell.angle_alpha   90.00
_cell.angle_beta   90.00
_cell.angle_gamma   90.00
#
_symmetry.space_group_name_H-M   'I 4'
#
loop_
_entity.id
_entity.type
_entity.pdbx_description
1 polymer 'DUAL SPECIFICITY PROTEIN PHOSPHATASE 14'
2 non-polymer 'PHOSPHATE ION'
3 water water
#
_entity_poly.entity_id   1
_entity_poly.type   'polypeptide(L)'
_entity_poly.pdbx_seq_one_letter_code
;SSRGHSTLPRTLMAPRMISEGDIGGIAQITSSLFLGRGSVASNRHLLQARGITCIVNATIEIPNFNWPQFEYVKVPLADM
PHAPIGLYFDTVADKIHSVSRKHGATLVHCAAGVSRSATLCIAYLMKFHNVCLLEAYNWVKARRPVIRPNVGFWRQLIDY
ERQLFGKSTVKMVQTPYGIVPDVYEKESRH
;
_entity_poly.pdbx_strand_id   A,B
#
loop_
_chem_comp.id
_chem_comp.type
_chem_comp.name
_chem_comp.formula
PO4 non-polymer 'PHOSPHATE ION' 'O4 P -3'
#
# COMPACT_ATOMS: atom_id res chain seq x y z
N ILE A 23 28.15 -22.17 13.10
CA ILE A 23 28.89 -20.99 13.50
C ILE A 23 27.97 -19.83 13.92
N GLY A 24 28.36 -19.14 15.01
CA GLY A 24 27.66 -17.94 15.48
C GLY A 24 27.71 -16.83 14.44
N GLY A 25 26.59 -16.15 14.23
CA GLY A 25 26.49 -15.03 13.32
C GLY A 25 26.22 -15.34 11.86
N ILE A 26 25.98 -16.62 11.51
CA ILE A 26 25.56 -16.99 10.16
C ILE A 26 24.52 -18.13 10.21
N ALA A 27 23.54 -18.05 9.31
CA ALA A 27 22.49 -19.07 9.22
C ALA A 27 22.17 -19.31 7.77
N GLN A 28 21.96 -20.58 7.41
CA GLN A 28 21.51 -20.91 6.09
C GLN A 28 19.99 -20.84 6.00
N ILE A 29 19.51 -20.13 4.97
CA ILE A 29 18.05 -19.99 4.69
C ILE A 29 17.59 -20.91 3.56
N THR A 30 18.36 -20.94 2.49
CA THR A 30 18.13 -21.88 1.39
C THR A 30 19.48 -22.43 0.97
N SER A 31 19.51 -23.35 0.00
CA SER A 31 20.77 -23.87 -0.54
C SER A 31 21.75 -22.79 -1.03
N SER A 32 21.22 -21.65 -1.47
CA SER A 32 22.04 -20.60 -2.07
C SER A 32 21.95 -19.25 -1.34
N LEU A 33 21.43 -19.25 -0.12
CA LEU A 33 21.22 -18.00 0.62
C LEU A 33 21.54 -18.19 2.08
N PHE A 34 22.42 -17.31 2.56
CA PHE A 34 22.78 -17.24 3.96
C PHE A 34 22.54 -15.82 4.47
N LEU A 35 22.24 -15.73 5.76
CA LEU A 35 22.05 -14.46 6.45
C LEU A 35 23.07 -14.37 7.59
N GLY A 36 23.63 -13.19 7.80
CA GLY A 36 24.62 -13.03 8.85
C GLY A 36 24.83 -11.64 9.43
N ARG A 37 25.59 -11.64 10.52
CA ARG A 37 26.25 -10.47 11.07
C ARG A 37 27.45 -10.07 10.25
N GLY A 38 27.81 -8.79 10.32
CA GLY A 38 28.91 -8.26 9.52
C GLY A 38 30.23 -8.92 9.87
N SER A 39 30.41 -9.28 11.13
CA SER A 39 31.62 -9.98 11.60
C SER A 39 32.03 -11.25 10.81
N VAL A 40 31.06 -12.03 10.33
CA VAL A 40 31.33 -13.26 9.57
C VAL A 40 31.71 -12.93 8.13
N ALA A 41 31.32 -11.74 7.68
CA ALA A 41 31.46 -11.36 6.29
C ALA A 41 32.93 -11.30 5.85
N SER A 42 33.86 -10.99 6.77
CA SER A 42 35.30 -10.99 6.46
C SER A 42 36.02 -12.34 6.68
N ASN A 43 35.29 -13.38 7.11
CA ASN A 43 35.88 -14.70 7.30
C ASN A 43 35.84 -15.48 5.99
N ARG A 44 36.87 -15.26 5.18
CA ARG A 44 36.98 -15.88 3.87
C ARG A 44 36.77 -17.40 3.91
N HIS A 45 37.48 -18.06 4.82
CA HIS A 45 37.38 -19.52 4.95
C HIS A 45 35.98 -20.02 5.28
N LEU A 46 35.30 -19.34 6.21
CA LEU A 46 33.93 -19.69 6.59
C LEU A 46 32.98 -19.58 5.41
N LEU A 47 33.09 -18.50 4.64
CA LEU A 47 32.22 -18.30 3.49
C LEU A 47 32.53 -19.29 2.34
N GLN A 48 33.81 -19.52 2.06
CA GLN A 48 34.22 -20.53 1.06
C GLN A 48 33.70 -21.92 1.41
N ALA A 49 33.74 -22.25 2.70
CA ALA A 49 33.23 -23.54 3.19
C ALA A 49 31.74 -23.72 2.85
N ARG A 50 31.01 -22.61 2.71
CA ARG A 50 29.58 -22.63 2.37
C ARG A 50 29.29 -22.41 0.89
N GLY A 51 30.36 -22.30 0.08
CA GLY A 51 30.22 -22.04 -1.35
C GLY A 51 29.70 -20.66 -1.70
N ILE A 52 29.86 -19.72 -0.78
CA ILE A 52 29.42 -18.34 -0.97
C ILE A 52 30.30 -17.65 -2.02
N THR A 53 29.65 -17.08 -3.00
CA THR A 53 30.30 -16.40 -4.12
C THR A 53 29.96 -14.90 -4.19
N CYS A 54 28.87 -14.51 -3.53
CA CYS A 54 28.37 -13.15 -3.57
C CYS A 54 28.00 -12.68 -2.17
N ILE A 55 28.49 -11.49 -1.82
CA ILE A 55 28.19 -10.86 -0.54
C ILE A 55 27.38 -9.56 -0.76
N VAL A 56 26.16 -9.56 -0.20
CA VAL A 56 25.31 -8.39 -0.14
C VAL A 56 25.48 -7.75 1.23
N ASN A 57 26.14 -6.62 1.22
CA ASN A 57 26.38 -5.84 2.43
C ASN A 57 25.25 -4.81 2.60
N ALA A 58 24.24 -5.18 3.39
CA ALA A 58 23.07 -4.31 3.65
C ALA A 58 23.30 -3.33 4.81
N THR A 59 24.42 -2.62 4.77
CA THR A 59 24.73 -1.58 5.73
C THR A 59 25.39 -0.42 5.06
N ILE A 60 25.17 0.75 5.63
CA ILE A 60 25.92 1.92 5.25
CA ILE A 60 25.94 1.95 5.28
C ILE A 60 27.29 1.91 5.96
N GLU A 61 27.28 1.47 7.22
CA GLU A 61 28.37 1.73 8.14
C GLU A 61 29.52 0.72 8.16
N ILE A 62 29.31 -0.46 7.58
CA ILE A 62 30.37 -1.46 7.43
C ILE A 62 30.93 -1.41 6.00
N PRO A 63 32.24 -1.13 5.85
CA PRO A 63 32.88 -1.18 4.51
C PRO A 63 33.07 -2.62 4.00
N ASN A 64 32.93 -2.84 2.70
CA ASN A 64 33.19 -4.19 2.12
C ASN A 64 34.65 -4.52 2.37
N PHE A 65 34.91 -5.75 2.82
CA PHE A 65 36.29 -6.15 3.03
C PHE A 65 37.00 -6.29 1.70
N ASN A 66 36.25 -6.60 0.66
CA ASN A 66 36.77 -6.79 -0.71
C ASN A 66 37.74 -7.94 -0.97
N TRP A 67 37.46 -9.14 -0.47
CA TRP A 67 38.26 -10.29 -0.89
C TRP A 67 38.03 -10.54 -2.38
N PRO A 68 39.10 -10.89 -3.14
CA PRO A 68 38.90 -11.15 -4.58
C PRO A 68 37.93 -12.30 -4.87
N GLN A 69 37.80 -13.21 -3.91
CA GLN A 69 36.98 -14.43 -4.06
C GLN A 69 35.49 -14.17 -4.16
N PHE A 70 35.04 -13.00 -3.74
CA PHE A 70 33.62 -12.73 -3.72
C PHE A 70 33.30 -11.54 -4.56
N GLU A 71 32.09 -11.58 -5.11
CA GLU A 71 31.44 -10.43 -5.68
C GLU A 71 30.78 -9.69 -4.54
N TYR A 72 30.83 -8.37 -4.54
CA TYR A 72 30.22 -7.59 -3.45
C TYR A 72 29.13 -6.67 -3.99
N VAL A 73 28.01 -6.61 -3.25
CA VAL A 73 26.91 -5.69 -3.52
C VAL A 73 26.60 -4.89 -2.25
N LYS A 74 26.74 -3.57 -2.32
CA LYS A 74 26.49 -2.69 -1.19
C LYS A 74 25.07 -2.15 -1.29
N VAL A 75 24.30 -2.32 -0.22
CA VAL A 75 22.96 -1.76 -0.06
C VAL A 75 23.01 -0.78 1.15
N PRO A 76 23.29 0.51 0.88
CA PRO A 76 23.70 1.39 1.96
C PRO A 76 22.53 2.03 2.73
N LEU A 77 21.95 1.21 3.60
CA LEU A 77 20.82 1.56 4.45
C LEU A 77 21.21 1.54 5.92
N ALA A 78 20.54 2.37 6.71
CA ALA A 78 20.57 2.32 8.18
C ALA A 78 19.42 1.45 8.66
N ASP A 79 19.54 0.87 9.86
CA ASP A 79 18.47 0.09 10.45
C ASP A 79 17.49 1.02 11.18
N MET A 80 16.67 1.70 10.38
CA MET A 80 15.75 2.71 10.88
C MET A 80 14.40 2.50 10.20
N PRO A 81 13.29 2.76 10.92
CA PRO A 81 11.97 2.47 10.34
C PRO A 81 11.65 3.25 9.06
N HIS A 82 12.22 4.43 8.90
CA HIS A 82 12.01 5.20 7.63
C HIS A 82 13.08 4.97 6.54
N ALA A 83 14.04 4.09 6.79
CA ALA A 83 14.96 3.71 5.71
C ALA A 83 14.13 2.95 4.67
N PRO A 84 14.21 3.38 3.40
CA PRO A 84 13.38 2.80 2.34
C PRO A 84 13.95 1.50 1.79
N ILE A 85 14.09 0.53 2.67
CA ILE A 85 14.64 -0.79 2.35
C ILE A 85 13.87 -1.51 1.21
N GLY A 86 12.57 -1.27 1.13
CA GLY A 86 11.74 -1.81 0.08
C GLY A 86 12.20 -1.53 -1.34
N LEU A 87 12.94 -0.44 -1.53
CA LEU A 87 13.48 -0.09 -2.83
C LEU A 87 14.53 -1.09 -3.29
N TYR A 88 15.00 -1.93 -2.37
CA TYR A 88 15.97 -2.98 -2.68
C TYR A 88 15.36 -4.39 -2.70
N PHE A 89 14.05 -4.51 -2.47
CA PHE A 89 13.42 -5.83 -2.40
C PHE A 89 13.63 -6.61 -3.70
N ASP A 90 13.22 -6.01 -4.83
CA ASP A 90 13.34 -6.67 -6.15
C ASP A 90 14.80 -6.82 -6.56
N THR A 91 15.60 -5.76 -6.39
CA THR A 91 16.97 -5.82 -6.90
C THR A 91 17.83 -6.85 -6.13
N VAL A 92 17.67 -6.92 -4.81
CA VAL A 92 18.44 -7.90 -4.01
C VAL A 92 17.90 -9.31 -4.24
N ALA A 93 16.56 -9.45 -4.24
CA ALA A 93 15.94 -10.74 -4.50
C ALA A 93 16.33 -11.28 -5.89
N ASP A 94 16.30 -10.41 -6.90
CA ASP A 94 16.78 -10.79 -8.24
C ASP A 94 18.26 -11.20 -8.27
N LYS A 95 19.10 -10.52 -7.51
CA LYS A 95 20.53 -10.86 -7.43
C LYS A 95 20.76 -12.24 -6.78
N ILE A 96 20.07 -12.49 -5.66
CA ILE A 96 20.13 -13.79 -5.00
C ILE A 96 19.72 -14.88 -5.99
N HIS A 97 18.65 -14.63 -6.74
CA HIS A 97 18.15 -15.58 -7.74
C HIS A 97 19.16 -15.78 -8.88
N SER A 98 19.70 -14.67 -9.39
CA SER A 98 20.73 -14.71 -10.48
C SER A 98 21.94 -15.54 -10.06
N VAL A 99 22.44 -15.29 -8.86
CA VAL A 99 23.60 -16.03 -8.31
C VAL A 99 23.31 -17.52 -8.17
N SER A 100 22.15 -17.82 -7.60
CA SER A 100 21.69 -19.20 -7.47
C SER A 100 21.58 -19.92 -8.82
N ARG A 101 21.01 -19.25 -9.81
CA ARG A 101 20.90 -19.84 -11.14
C ARG A 101 22.24 -19.99 -11.85
N LYS A 102 23.21 -19.17 -11.48
CA LYS A 102 24.60 -19.36 -11.90
C LYS A 102 25.39 -20.31 -10.98
N HIS A 103 24.68 -21.00 -10.07
CA HIS A 103 25.23 -22.06 -9.21
C HIS A 103 26.22 -21.55 -8.15
N GLY A 104 25.97 -20.35 -7.66
CA GLY A 104 26.71 -19.80 -6.55
C GLY A 104 25.81 -19.69 -5.34
N ALA A 105 26.24 -18.89 -4.40
CA ALA A 105 25.47 -18.65 -3.18
C ALA A 105 25.75 -17.26 -2.63
N THR A 106 24.74 -16.69 -1.99
CA THR A 106 24.80 -15.33 -1.50
C THR A 106 24.72 -15.28 0.03
N LEU A 107 25.57 -14.44 0.62
CA LEU A 107 25.40 -14.03 1.98
C LEU A 107 24.85 -12.61 2.01
N VAL A 108 23.69 -12.46 2.64
CA VAL A 108 23.14 -11.14 2.91
C VAL A 108 23.44 -10.86 4.36
N HIS A 109 24.27 -9.84 4.60
CA HIS A 109 24.66 -9.48 5.97
C HIS A 109 24.30 -8.05 6.29
N CYS A 110 24.12 -7.78 7.57
CA CYS A 110 24.02 -6.41 8.07
C CYS A 110 25.02 -6.30 9.21
N ALA A 111 24.67 -5.63 10.31
CA ALA A 111 25.56 -5.50 11.47
C ALA A 111 25.24 -6.61 12.46
N ALA A 112 23.99 -6.62 12.93
CA ALA A 112 23.51 -7.55 13.95
C ALA A 112 22.91 -8.84 13.43
N GLY A 113 22.67 -8.95 12.14
CA GLY A 113 21.97 -10.10 11.61
C GLY A 113 20.52 -10.24 12.11
N VAL A 114 19.92 -9.11 12.48
CA VAL A 114 18.60 -9.08 13.11
C VAL A 114 17.47 -8.47 12.23
N SER A 115 17.76 -7.34 11.58
CA SER A 115 16.73 -6.51 10.95
C SER A 115 16.93 -6.30 9.44
N ARG A 116 17.99 -5.60 9.04
CA ARG A 116 18.17 -5.28 7.62
C ARG A 116 18.30 -6.54 6.74
N SER A 117 19.23 -7.44 7.07
CA SER A 117 19.43 -8.65 6.27
C SER A 117 18.23 -9.58 6.29
N ALA A 118 17.63 -9.78 7.47
CA ALA A 118 16.44 -10.63 7.60
C ALA A 118 15.33 -10.12 6.73
N THR A 119 15.17 -8.79 6.67
CA THR A 119 14.07 -8.19 5.89
C THR A 119 14.23 -8.51 4.40
N LEU A 120 15.46 -8.35 3.90
CA LEU A 120 15.76 -8.65 2.51
C LEU A 120 15.61 -10.14 2.18
N CYS A 121 16.02 -11.02 3.10
CA CYS A 121 15.81 -12.46 2.93
C CYS A 121 14.32 -12.82 2.90
N ILE A 122 13.52 -12.21 3.78
CA ILE A 122 12.07 -12.45 3.79
C ILE A 122 11.45 -12.04 2.45
N ALA A 123 11.89 -10.90 1.92
CA ALA A 123 11.35 -10.41 0.64
C ALA A 123 11.70 -11.40 -0.49
N TYR A 124 12.94 -11.90 -0.49
CA TYR A 124 13.40 -12.90 -1.46
C TYR A 124 12.57 -14.20 -1.42
N LEU A 125 12.35 -14.71 -0.23
CA LEU A 125 11.53 -15.91 -0.04
C LEU A 125 10.09 -15.76 -0.58
N MET A 126 9.47 -14.61 -0.35
CA MET A 126 8.17 -14.34 -0.92
C MET A 126 8.19 -14.32 -2.44
N LYS A 127 9.17 -13.61 -3.02
CA LYS A 127 9.22 -13.43 -4.46
C LYS A 127 9.60 -14.70 -5.21
N PHE A 128 10.58 -15.45 -4.70
CA PHE A 128 11.10 -16.59 -5.46
C PHE A 128 10.79 -17.97 -4.90
N HIS A 129 10.22 -18.05 -3.68
CA HIS A 129 9.80 -19.32 -3.12
C HIS A 129 8.27 -19.42 -2.89
N ASN A 130 7.52 -18.44 -3.37
CA ASN A 130 6.05 -18.47 -3.37
C ASN A 130 5.44 -18.74 -1.99
N VAL A 131 5.98 -18.07 -0.99
CA VAL A 131 5.55 -18.27 0.38
C VAL A 131 5.03 -16.90 0.84
N CYS A 132 3.95 -16.89 1.62
CA CYS A 132 3.41 -15.65 2.15
C CYS A 132 4.36 -15.08 3.23
N LEU A 133 4.08 -13.85 3.62
CA LEU A 133 4.93 -13.13 4.56
C LEU A 133 5.04 -13.85 5.92
N LEU A 134 3.93 -14.38 6.43
CA LEU A 134 3.98 -15.09 7.71
C LEU A 134 4.90 -16.33 7.60
N GLU A 135 4.74 -17.10 6.51
CA GLU A 135 5.58 -18.27 6.30
C GLU A 135 7.06 -17.91 6.12
N ALA A 136 7.32 -16.82 5.39
CA ALA A 136 8.67 -16.35 5.09
C ALA A 136 9.38 -15.92 6.39
N TYR A 137 8.67 -15.17 7.23
CA TYR A 137 9.13 -14.84 8.59
C TYR A 137 9.44 -16.10 9.40
N ASN A 138 8.48 -17.01 9.49
CA ASN A 138 8.66 -18.25 10.26
C ASN A 138 9.85 -19.06 9.75
N TRP A 139 10.02 -19.10 8.42
CA TRP A 139 11.16 -19.77 7.77
C TRP A 139 12.51 -19.22 8.31
N VAL A 140 12.70 -17.92 8.18
CA VAL A 140 13.95 -17.29 8.64
C VAL A 140 14.10 -17.39 10.16
N LYS A 141 13.01 -17.15 10.88
CA LYS A 141 12.99 -17.23 12.34
C LYS A 141 13.34 -18.66 12.85
N ALA A 142 12.93 -19.71 12.13
CA ALA A 142 13.31 -21.07 12.50
C ALA A 142 14.81 -21.27 12.47
N ARG A 143 15.49 -20.59 11.54
CA ARG A 143 16.93 -20.75 11.37
C ARG A 143 17.75 -19.76 12.19
N ARG A 144 17.22 -18.54 12.36
CA ARG A 144 17.93 -17.50 13.11
C ARG A 144 16.91 -16.85 14.04
N PRO A 145 16.72 -17.41 15.26
CA PRO A 145 15.59 -16.96 16.09
C PRO A 145 15.68 -15.51 16.59
N VAL A 146 16.87 -14.93 16.51
CA VAL A 146 17.06 -13.55 16.96
C VAL A 146 16.53 -12.49 15.99
N ILE A 147 16.07 -12.89 14.79
CA ILE A 147 15.59 -11.87 13.83
C ILE A 147 14.43 -11.07 14.38
N ARG A 148 14.43 -9.79 14.00
CA ARG A 148 13.47 -8.80 14.50
C ARG A 148 13.52 -7.54 13.61
N PRO A 149 12.94 -7.64 12.40
CA PRO A 149 12.87 -6.46 11.53
C PRO A 149 12.20 -5.32 12.26
N ASN A 150 12.66 -4.11 12.01
CA ASN A 150 12.09 -2.98 12.72
C ASN A 150 10.65 -2.73 12.21
N VAL A 151 9.85 -1.93 12.90
CA VAL A 151 8.41 -1.83 12.51
C VAL A 151 8.16 -1.19 11.14
N GLY A 152 9.05 -0.28 10.73
CA GLY A 152 8.96 0.33 9.38
C GLY A 152 9.24 -0.68 8.28
N PHE A 153 10.25 -1.52 8.52
CA PHE A 153 10.55 -2.61 7.62
C PHE A 153 9.33 -3.55 7.48
N TRP A 154 8.68 -3.87 8.60
CA TRP A 154 7.41 -4.60 8.58
C TRP A 154 6.33 -3.96 7.70
N ARG A 155 6.07 -2.66 7.87
CA ARG A 155 5.14 -1.93 6.99
C ARG A 155 5.50 -2.15 5.51
N GLN A 156 6.79 -2.10 5.21
CA GLN A 156 7.25 -2.21 3.84
C GLN A 156 7.11 -3.62 3.31
N LEU A 157 7.44 -4.62 4.15
CA LEU A 157 7.22 -6.03 3.79
C LEU A 157 5.75 -6.36 3.51
N ILE A 158 4.86 -5.79 4.32
CA ILE A 158 3.41 -6.01 4.20
C ILE A 158 2.90 -5.45 2.87
N ASP A 159 3.36 -4.25 2.52
CA ASP A 159 3.04 -3.67 1.20
C ASP A 159 3.54 -4.55 0.07
N TYR A 160 4.78 -5.03 0.17
CA TYR A 160 5.38 -5.88 -0.86
C TYR A 160 4.64 -7.22 -0.99
N GLU A 161 4.27 -7.81 0.15
CA GLU A 161 3.43 -9.01 0.15
C GLU A 161 2.12 -8.77 -0.60
N ARG A 162 1.47 -7.63 -0.33
CA ARG A 162 0.22 -7.29 -1.00
C ARG A 162 0.41 -7.12 -2.51
N GLN A 163 1.54 -6.52 -2.92
CA GLN A 163 1.89 -6.39 -4.34
C GLN A 163 2.04 -7.79 -4.99
N LEU A 164 2.70 -8.70 -4.28
CA LEU A 164 2.95 -10.03 -4.83
C LEU A 164 1.70 -10.95 -4.85
N PHE A 165 0.90 -10.92 -3.80
CA PHE A 165 -0.16 -11.91 -3.64
C PHE A 165 -1.57 -11.34 -3.62
N GLY A 166 -1.69 -10.01 -3.54
CA GLY A 166 -2.98 -9.36 -3.49
C GLY A 166 -3.70 -9.47 -2.16
N LYS A 167 -2.98 -9.94 -1.14
CA LYS A 167 -3.49 -10.03 0.21
C LYS A 167 -2.33 -10.18 1.19
N SER A 168 -2.63 -9.93 2.46
CA SER A 168 -1.62 -9.90 3.48
C SER A 168 -1.89 -10.97 4.58
N THR A 169 -0.80 -11.48 5.16
CA THR A 169 -0.88 -12.50 6.21
C THR A 169 -0.33 -12.02 7.56
N VAL A 170 0.13 -10.77 7.59
CA VAL A 170 0.52 -10.06 8.81
C VAL A 170 -0.07 -8.65 8.74
N LYS A 171 -0.57 -8.18 9.87
CA LYS A 171 -1.18 -6.87 10.02
C LYS A 171 -0.43 -6.10 11.11
N MET A 172 -0.36 -4.79 10.96
CA MET A 172 0.17 -3.93 12.02
C MET A 172 -0.98 -3.65 12.99
N VAL A 173 -0.68 -3.83 14.27
CA VAL A 173 -1.65 -3.68 15.34
C VAL A 173 -1.08 -2.78 16.43
N GLN A 174 -1.98 -2.00 17.04
CA GLN A 174 -1.60 -1.11 18.12
C GLN A 174 -1.64 -1.86 19.43
N THR A 175 -0.54 -1.79 20.16
CA THR A 175 -0.44 -2.37 21.49
C THR A 175 -0.14 -1.20 22.43
N PRO A 176 -0.19 -1.46 23.75
CA PRO A 176 0.22 -0.44 24.71
C PRO A 176 1.66 0.03 24.51
N TYR A 177 2.48 -0.74 23.78
CA TYR A 177 3.90 -0.47 23.63
C TYR A 177 4.29 0.05 22.25
N GLY A 178 3.29 0.34 21.42
CA GLY A 178 3.48 0.79 20.07
C GLY A 178 2.76 -0.09 19.04
N ILE A 179 2.79 0.40 17.80
CA ILE A 179 2.25 -0.31 16.67
C ILE A 179 3.30 -1.31 16.22
N VAL A 180 2.91 -2.58 16.09
CA VAL A 180 3.85 -3.64 15.71
C VAL A 180 3.14 -4.62 14.81
N PRO A 181 3.90 -5.41 14.01
CA PRO A 181 3.23 -6.52 13.36
C PRO A 181 2.56 -7.46 14.40
N ASP A 182 1.42 -8.01 14.02
CA ASP A 182 0.70 -8.93 14.93
C ASP A 182 1.54 -10.08 15.48
N VAL A 183 2.52 -10.57 14.69
CA VAL A 183 3.40 -11.64 15.15
C VAL A 183 4.17 -11.29 16.43
N TYR A 184 4.56 -10.03 16.58
CA TYR A 184 5.27 -9.58 17.78
C TYR A 184 4.34 -9.54 18.98
N GLU A 185 3.09 -9.12 18.76
CA GLU A 185 2.10 -9.11 19.84
C GLU A 185 1.84 -10.55 20.28
N LYS A 186 1.64 -11.45 19.32
CA LYS A 186 1.40 -12.86 19.60
C LYS A 186 2.55 -13.50 20.41
N GLU A 187 3.78 -13.24 20.00
CA GLU A 187 4.98 -13.69 20.70
C GLU A 187 5.06 -13.21 22.17
N SER A 188 4.57 -12.00 22.44
CA SER A 188 4.62 -11.36 23.79
C SER A 188 3.72 -12.06 24.82
N ARG A 189 2.77 -12.83 24.31
CA ARG A 189 1.83 -13.59 25.13
C ARG A 189 2.24 -15.06 25.17
N HIS A 190 3.46 -15.36 24.69
CA HIS A 190 3.99 -16.72 24.60
C HIS A 190 3.18 -17.53 23.59
N GLY B 24 -26.23 25.30 -9.69
CA GLY B 24 -26.13 23.86 -10.06
C GLY B 24 -26.08 22.96 -8.83
N GLY B 25 -24.93 22.36 -8.57
CA GLY B 25 -24.75 21.46 -7.43
C GLY B 25 -25.07 19.99 -7.67
N ILE B 26 -25.34 19.60 -8.92
CA ILE B 26 -25.52 18.18 -9.27
C ILE B 26 -24.91 17.90 -10.67
N ALA B 27 -24.23 16.76 -10.81
CA ALA B 27 -23.60 16.36 -12.06
C ALA B 27 -23.85 14.90 -12.23
N GLN B 28 -24.11 14.47 -13.45
CA GLN B 28 -24.28 13.06 -13.73
C GLN B 28 -22.91 12.49 -14.06
N ILE B 29 -22.61 11.33 -13.47
CA ILE B 29 -21.33 10.65 -13.67
C ILE B 29 -21.48 9.42 -14.58
N THR B 30 -22.48 8.60 -14.29
CA THR B 30 -22.89 7.55 -15.22
C THR B 30 -24.41 7.58 -15.37
N SER B 31 -24.96 6.65 -16.14
CA SER B 31 -26.42 6.61 -16.31
C SER B 31 -27.18 6.41 -14.96
N SER B 32 -26.50 5.82 -13.98
CA SER B 32 -27.10 5.49 -12.68
C SER B 32 -26.41 6.13 -11.46
N LEU B 33 -25.55 7.12 -11.71
CA LEU B 33 -24.77 7.75 -10.64
C LEU B 33 -24.69 9.28 -10.83
N PHE B 34 -25.10 10.00 -9.79
CA PHE B 34 -24.99 11.46 -9.74
C PHE B 34 -24.16 11.86 -8.52
N LEU B 35 -23.45 12.98 -8.66
CA LEU B 35 -22.58 13.56 -7.64
C LEU B 35 -23.16 14.91 -7.30
N GLY B 36 -23.25 15.25 -6.02
CA GLY B 36 -23.74 16.58 -5.68
C GLY B 36 -23.34 17.18 -4.35
N ARG B 37 -23.69 18.47 -4.26
CA ARG B 37 -23.66 19.23 -3.03
C ARG B 37 -24.85 18.87 -2.14
N GLY B 38 -24.71 19.17 -0.85
CA GLY B 38 -25.78 18.89 0.11
C GLY B 38 -27.09 19.57 -0.23
N SER B 39 -27.00 20.77 -0.81
CA SER B 39 -28.19 21.57 -1.17
C SER B 39 -29.20 20.82 -2.03
N VAL B 40 -28.75 19.97 -2.95
CA VAL B 40 -29.65 19.28 -3.88
C VAL B 40 -30.26 18.01 -3.25
N ALA B 41 -29.67 17.53 -2.17
CA ALA B 41 -30.04 16.23 -1.61
C ALA B 41 -31.51 16.14 -1.16
N SER B 42 -32.05 17.24 -0.66
CA SER B 42 -33.43 17.26 -0.14
C SER B 42 -34.49 17.62 -1.21
N ASN B 43 -34.07 17.96 -2.42
CA ASN B 43 -34.97 18.40 -3.48
C ASN B 43 -35.55 17.20 -4.21
N ARG B 44 -36.70 16.71 -3.74
CA ARG B 44 -37.22 15.45 -4.23
C ARG B 44 -37.62 15.51 -5.71
N HIS B 45 -38.14 16.65 -6.17
CA HIS B 45 -38.48 16.80 -7.59
C HIS B 45 -37.26 16.64 -8.49
N LEU B 46 -36.18 17.33 -8.11
CA LEU B 46 -34.89 17.26 -8.83
C LEU B 46 -34.37 15.82 -8.89
N LEU B 47 -34.41 15.14 -7.76
CA LEU B 47 -33.95 13.75 -7.67
C LEU B 47 -34.85 12.76 -8.42
N GLN B 48 -36.17 12.91 -8.26
CA GLN B 48 -37.12 12.05 -8.97
C GLN B 48 -37.06 12.21 -10.49
N ALA B 49 -36.80 13.43 -10.98
CA ALA B 49 -36.62 13.69 -12.42
C ALA B 49 -35.42 12.94 -13.04
N ARG B 50 -34.46 12.53 -12.20
CA ARG B 50 -33.29 11.76 -12.63
C ARG B 50 -33.38 10.27 -12.28
N GLY B 51 -34.52 9.86 -11.77
CA GLY B 51 -34.74 8.46 -11.42
C GLY B 51 -33.91 7.96 -10.24
N ILE B 52 -33.54 8.89 -9.37
CA ILE B 52 -32.75 8.57 -8.19
C ILE B 52 -33.61 7.85 -7.15
N THR B 53 -33.13 6.71 -6.69
CA THR B 53 -33.81 5.90 -5.68
C THR B 53 -32.98 5.74 -4.41
N CYS B 54 -31.69 6.06 -4.49
CA CYS B 54 -30.74 5.85 -3.41
C CYS B 54 -29.95 7.12 -3.21
N ILE B 55 -29.85 7.55 -1.96
CA ILE B 55 -29.02 8.69 -1.57
C ILE B 55 -27.91 8.27 -0.62
N VAL B 56 -26.65 8.43 -1.09
CA VAL B 56 -25.47 8.22 -0.24
C VAL B 56 -25.02 9.58 0.27
N ASN B 57 -25.23 9.79 1.56
CA ASN B 57 -24.86 11.02 2.29
C ASN B 57 -23.47 10.80 2.88
N ALA B 58 -22.45 11.26 2.14
CA ALA B 58 -21.05 11.14 2.59
C ALA B 58 -20.62 12.30 3.45
N THR B 59 -21.40 12.58 4.49
CA THR B 59 -21.10 13.61 5.44
C THR B 59 -21.50 13.15 6.84
N ILE B 60 -20.75 13.65 7.81
CA ILE B 60 -21.15 13.50 9.19
CA ILE B 60 -21.12 13.55 9.22
C ILE B 60 -22.18 14.59 9.54
N GLU B 61 -22.01 15.79 8.98
CA GLU B 61 -22.68 17.01 9.44
C GLU B 61 -24.05 17.38 8.84
N ILE B 62 -24.42 16.76 7.74
CA ILE B 62 -25.72 16.97 7.14
C ILE B 62 -26.61 15.77 7.48
N PRO B 63 -27.76 16.00 8.12
CA PRO B 63 -28.71 14.92 8.41
C PRO B 63 -29.45 14.47 7.14
N ASN B 64 -29.65 13.16 6.99
CA ASN B 64 -30.53 12.65 5.93
C ASN B 64 -31.91 13.28 6.06
N PHE B 65 -32.50 13.77 4.97
CA PHE B 65 -33.85 14.31 5.06
C PHE B 65 -34.91 13.23 5.29
N ASN B 66 -34.59 12.01 4.83
CA ASN B 66 -35.49 10.85 4.93
C ASN B 66 -36.92 10.97 4.32
N TRP B 67 -37.00 11.50 3.10
CA TRP B 67 -38.20 11.27 2.28
C TRP B 67 -38.39 9.75 2.12
N PRO B 68 -39.64 9.25 2.24
CA PRO B 68 -39.90 7.80 2.09
C PRO B 68 -39.41 7.22 0.77
N GLN B 69 -39.51 7.98 -0.31
CA GLN B 69 -39.24 7.43 -1.64
C GLN B 69 -37.77 7.09 -1.95
N PHE B 70 -36.83 7.51 -1.11
CA PHE B 70 -35.42 7.19 -1.31
C PHE B 70 -34.89 6.36 -0.17
N GLU B 71 -33.98 5.43 -0.49
CA GLU B 71 -33.20 4.77 0.54
C GLU B 71 -31.91 5.59 0.79
N TYR B 72 -31.58 5.77 2.05
CA TYR B 72 -30.43 6.55 2.48
C TYR B 72 -29.37 5.66 3.08
N VAL B 73 -28.12 5.94 2.69
CA VAL B 73 -26.94 5.33 3.26
C VAL B 73 -26.10 6.51 3.77
N LYS B 74 -25.81 6.53 5.05
CA LYS B 74 -24.95 7.58 5.60
C LYS B 74 -23.51 7.06 5.72
N VAL B 75 -22.57 7.87 5.26
CA VAL B 75 -21.13 7.62 5.36
C VAL B 75 -20.54 8.76 6.19
N PRO B 76 -20.52 8.58 7.53
CA PRO B 76 -20.29 9.75 8.40
C PRO B 76 -18.81 10.08 8.62
N LEU B 77 -18.24 10.75 7.62
CA LEU B 77 -16.84 11.12 7.53
C LEU B 77 -16.75 12.64 7.43
N ALA B 78 -15.67 13.20 7.94
CA ALA B 78 -15.30 14.61 7.70
C ALA B 78 -14.46 14.70 6.44
N ASP B 79 -14.41 15.89 5.84
CA ASP B 79 -13.49 16.13 4.71
C ASP B 79 -12.10 16.47 5.24
N MET B 80 -11.40 15.42 5.70
CA MET B 80 -10.07 15.57 6.31
C MET B 80 -9.16 14.47 5.79
N PRO B 81 -7.85 14.74 5.63
CA PRO B 81 -6.94 13.77 4.96
C PRO B 81 -6.83 12.42 5.66
N HIS B 82 -7.02 12.42 6.98
CA HIS B 82 -6.94 11.16 7.73
C HIS B 82 -8.30 10.49 7.96
N ALA B 83 -9.40 11.07 7.47
CA ALA B 83 -10.69 10.36 7.52
C ALA B 83 -10.55 9.11 6.63
N PRO B 84 -10.90 7.91 7.16
CA PRO B 84 -10.61 6.68 6.44
C PRO B 84 -11.71 6.34 5.43
N ILE B 85 -11.88 7.23 4.45
CA ILE B 85 -12.90 7.11 3.44
C ILE B 85 -12.73 5.83 2.61
N GLY B 86 -11.51 5.33 2.48
CA GLY B 86 -11.26 4.11 1.73
C GLY B 86 -11.99 2.89 2.29
N LEU B 87 -12.29 2.89 3.59
CA LEU B 87 -13.13 1.86 4.18
C LEU B 87 -14.55 1.79 3.61
N TYR B 88 -14.97 2.80 2.86
CA TYR B 88 -16.26 2.81 2.21
C TYR B 88 -16.17 2.59 0.68
N PHE B 89 -14.96 2.45 0.12
CA PHE B 89 -14.82 2.33 -1.33
C PHE B 89 -15.64 1.14 -1.88
N ASP B 90 -15.40 -0.05 -1.35
CA ASP B 90 -16.13 -1.25 -1.78
C ASP B 90 -17.62 -1.18 -1.43
N THR B 91 -17.96 -0.80 -0.20
CA THR B 91 -19.37 -0.83 0.21
C THR B 91 -20.22 0.14 -0.60
N VAL B 92 -19.72 1.37 -0.81
CA VAL B 92 -20.45 2.37 -1.60
C VAL B 92 -20.47 2.00 -3.10
N ALA B 93 -19.33 1.55 -3.65
CA ALA B 93 -19.23 1.14 -5.04
C ALA B 93 -20.20 0.02 -5.29
N ASP B 94 -20.26 -0.91 -4.35
CA ASP B 94 -21.14 -2.09 -4.49
C ASP B 94 -22.63 -1.68 -4.46
N LYS B 95 -22.97 -0.72 -3.62
CA LYS B 95 -24.34 -0.24 -3.50
C LYS B 95 -24.80 0.49 -4.79
N ILE B 96 -23.95 1.37 -5.32
CA ILE B 96 -24.22 2.05 -6.59
C ILE B 96 -24.45 1.01 -7.69
N HIS B 97 -23.60 -0.02 -7.70
CA HIS B 97 -23.72 -1.09 -8.69
C HIS B 97 -25.06 -1.87 -8.52
N SER B 98 -25.35 -2.32 -7.29
CA SER B 98 -26.60 -2.99 -6.94
C SER B 98 -27.82 -2.17 -7.36
N VAL B 99 -27.81 -0.88 -7.03
CA VAL B 99 -28.91 0.04 -7.38
C VAL B 99 -29.04 0.13 -8.91
N SER B 100 -27.89 0.20 -9.61
CA SER B 100 -27.89 0.26 -11.07
C SER B 100 -28.52 -0.99 -11.69
N ARG B 101 -28.19 -2.14 -11.12
CA ARG B 101 -28.65 -3.42 -11.64
C ARG B 101 -30.16 -3.61 -11.40
N LYS B 102 -30.69 -2.92 -10.39
CA LYS B 102 -32.12 -2.89 -10.08
C LYS B 102 -32.85 -1.75 -10.82
N HIS B 103 -32.17 -1.13 -11.77
CA HIS B 103 -32.72 -0.08 -12.63
C HIS B 103 -33.10 1.20 -11.89
N GLY B 104 -32.41 1.45 -10.77
CA GLY B 104 -32.50 2.72 -10.06
C GLY B 104 -31.28 3.58 -10.33
N ALA B 105 -31.08 4.59 -9.51
CA ALA B 105 -29.96 5.48 -9.66
C ALA B 105 -29.61 6.04 -8.30
N THR B 106 -28.33 6.33 -8.12
CA THR B 106 -27.82 6.81 -6.86
C THR B 106 -27.28 8.24 -6.95
N LEU B 107 -27.59 9.03 -5.93
CA LEU B 107 -26.90 10.31 -5.69
C LEU B 107 -25.89 10.15 -4.56
N VAL B 108 -24.63 10.40 -4.84
CA VAL B 108 -23.61 10.47 -3.78
C VAL B 108 -23.37 11.97 -3.53
N HIS B 109 -23.72 12.45 -2.34
CA HIS B 109 -23.51 13.88 -2.04
C HIS B 109 -22.65 14.08 -0.83
N CYS B 110 -21.95 15.21 -0.78
CA CYS B 110 -21.30 15.62 0.47
C CYS B 110 -21.84 17.02 0.81
N ALA B 111 -20.99 17.92 1.31
CA ALA B 111 -21.41 19.29 1.55
C ALA B 111 -21.14 20.16 0.31
N ALA B 112 -19.89 20.18 -0.14
CA ALA B 112 -19.44 21.04 -1.25
C ALA B 112 -19.45 20.37 -2.61
N GLY B 113 -19.63 19.06 -2.65
CA GLY B 113 -19.55 18.33 -3.92
C GLY B 113 -18.16 18.40 -4.54
N VAL B 114 -17.15 18.53 -3.69
CA VAL B 114 -15.77 18.73 -4.12
C VAL B 114 -14.85 17.54 -3.83
N SER B 115 -14.94 17.01 -2.60
CA SER B 115 -13.95 16.06 -2.11
C SER B 115 -14.54 14.71 -1.70
N ARG B 116 -15.35 14.66 -0.64
CA ARG B 116 -15.87 13.37 -0.14
C ARG B 116 -16.62 12.58 -1.20
N SER B 117 -17.64 13.20 -1.82
CA SER B 117 -18.46 12.50 -2.81
C SER B 117 -17.66 12.19 -4.08
N ALA B 118 -16.81 13.13 -4.47
CA ALA B 118 -15.99 12.93 -5.68
C ALA B 118 -15.11 11.69 -5.55
N THR B 119 -14.53 11.51 -4.37
CA THR B 119 -13.63 10.39 -4.07
C THR B 119 -14.37 9.05 -4.19
N LEU B 120 -15.56 8.97 -3.61
CA LEU B 120 -16.35 7.72 -3.70
C LEU B 120 -16.73 7.39 -5.15
N CYS B 121 -17.08 8.42 -5.93
CA CYS B 121 -17.41 8.24 -7.34
C CYS B 121 -16.23 7.76 -8.14
N ILE B 122 -15.06 8.32 -7.88
CA ILE B 122 -13.83 7.88 -8.54
C ILE B 122 -13.58 6.38 -8.27
N ALA B 123 -13.70 5.98 -6.99
CA ALA B 123 -13.49 4.59 -6.56
C ALA B 123 -14.47 3.65 -7.29
N TYR B 124 -15.73 4.08 -7.40
CA TYR B 124 -16.76 3.34 -8.13
C TYR B 124 -16.39 3.07 -9.60
N LEU B 125 -15.97 4.13 -10.30
CA LEU B 125 -15.54 4.03 -11.69
C LEU B 125 -14.39 3.04 -11.88
N MET B 126 -13.40 3.05 -10.99
CA MET B 126 -12.32 2.07 -11.06
C MET B 126 -12.83 0.64 -10.89
N LYS B 127 -13.69 0.42 -9.89
CA LYS B 127 -14.15 -0.95 -9.58
C LYS B 127 -15.12 -1.49 -10.63
N PHE B 128 -16.02 -0.64 -11.10
CA PHE B 128 -17.13 -1.13 -11.94
C PHE B 128 -17.11 -0.71 -13.39
N HIS B 129 -16.26 0.25 -13.72
CA HIS B 129 -16.10 0.72 -15.10
C HIS B 129 -14.72 0.45 -15.69
N ASN B 130 -13.91 -0.32 -14.95
CA ASN B 130 -12.60 -0.80 -15.39
C ASN B 130 -11.71 0.29 -15.99
N VAL B 131 -11.65 1.44 -15.32
CA VAL B 131 -10.76 2.52 -15.74
C VAL B 131 -9.74 2.75 -14.62
N CYS B 132 -8.53 3.18 -15.00
CA CYS B 132 -7.48 3.45 -14.03
C CYS B 132 -7.83 4.74 -13.29
N LEU B 133 -7.07 5.01 -12.24
CA LEU B 133 -7.29 6.19 -11.40
C LEU B 133 -7.21 7.50 -12.19
N LEU B 134 -6.20 7.66 -13.02
CA LEU B 134 -6.08 8.88 -13.83
C LEU B 134 -7.35 9.11 -14.68
N GLU B 135 -7.81 8.06 -15.35
CA GLU B 135 -9.00 8.13 -16.20
C GLU B 135 -10.24 8.45 -15.37
N ALA B 136 -10.37 7.79 -14.21
CA ALA B 136 -11.56 7.97 -13.36
C ALA B 136 -11.63 9.42 -12.80
N TYR B 137 -10.47 9.96 -12.40
CA TYR B 137 -10.37 11.34 -11.97
C TYR B 137 -10.73 12.29 -13.09
N ASN B 138 -10.12 12.10 -14.25
CA ASN B 138 -10.41 12.92 -15.45
C ASN B 138 -11.91 12.87 -15.81
N TRP B 139 -12.51 11.68 -15.73
CA TRP B 139 -13.95 11.51 -15.99
C TRP B 139 -14.79 12.38 -15.04
N VAL B 140 -14.55 12.29 -13.74
CA VAL B 140 -15.39 12.99 -12.77
C VAL B 140 -15.12 14.50 -12.88
N LYS B 141 -13.87 14.87 -13.09
CA LYS B 141 -13.47 16.26 -13.23
C LYS B 141 -14.13 16.91 -14.46
N ALA B 142 -14.24 16.15 -15.56
CA ALA B 142 -14.91 16.60 -16.79
C ALA B 142 -16.37 16.89 -16.51
N ARG B 143 -17.01 16.04 -15.69
CA ARG B 143 -18.41 16.17 -15.35
C ARG B 143 -18.67 17.28 -14.33
N ARG B 144 -17.73 17.47 -13.41
CA ARG B 144 -17.88 18.44 -12.33
C ARG B 144 -16.52 19.07 -12.07
N PRO B 145 -16.24 20.18 -12.78
CA PRO B 145 -14.89 20.74 -12.80
C PRO B 145 -14.36 21.23 -11.44
N VAL B 146 -15.24 21.50 -10.48
CA VAL B 146 -14.78 21.97 -9.17
C VAL B 146 -14.16 20.85 -8.31
N ILE B 147 -14.31 19.58 -8.71
CA ILE B 147 -13.86 18.49 -7.82
C ILE B 147 -12.37 18.59 -7.45
N ARG B 148 -12.08 18.27 -6.20
CA ARG B 148 -10.75 18.40 -5.66
C ARG B 148 -10.63 17.54 -4.39
N PRO B 149 -10.52 16.20 -4.56
CA PRO B 149 -10.25 15.37 -3.37
C PRO B 149 -9.05 15.85 -2.57
N ASN B 150 -9.17 15.77 -1.25
CA ASN B 150 -8.10 16.17 -0.38
C ASN B 150 -6.92 15.20 -0.55
N VAL B 151 -5.73 15.63 -0.15
CA VAL B 151 -4.51 14.82 -0.43
C VAL B 151 -4.49 13.43 0.25
N GLY B 152 -5.19 13.30 1.39
CA GLY B 152 -5.26 12.02 2.10
C GLY B 152 -6.16 11.06 1.33
N PHE B 153 -7.25 11.60 0.81
CA PHE B 153 -8.16 10.82 -0.03
C PHE B 153 -7.45 10.31 -1.29
N TRP B 154 -6.55 11.14 -1.84
CA TRP B 154 -5.72 10.74 -2.96
C TRP B 154 -4.79 9.56 -2.63
N ARG B 155 -4.15 9.62 -1.47
CA ARG B 155 -3.32 8.49 -0.98
C ARG B 155 -4.13 7.22 -0.93
N GLN B 156 -5.35 7.34 -0.43
CA GLN B 156 -6.24 6.18 -0.30
C GLN B 156 -6.74 5.65 -1.64
N LEU B 157 -7.11 6.56 -2.55
CA LEU B 157 -7.41 6.21 -3.93
C LEU B 157 -6.26 5.50 -4.64
N ILE B 158 -5.03 5.97 -4.43
CA ILE B 158 -3.86 5.36 -5.05
C ILE B 158 -3.64 3.93 -4.58
N ASP B 159 -3.83 3.70 -3.28
CA ASP B 159 -3.70 2.36 -2.74
C ASP B 159 -4.80 1.45 -3.28
N TYR B 160 -6.03 1.95 -3.33
CA TYR B 160 -7.16 1.19 -3.89
C TYR B 160 -6.91 0.86 -5.35
N GLU B 161 -6.40 1.81 -6.14
CA GLU B 161 -6.01 1.54 -7.53
C GLU B 161 -4.98 0.40 -7.62
N ARG B 162 -3.96 0.47 -6.78
CA ARG B 162 -2.95 -0.58 -6.77
C ARG B 162 -3.57 -1.96 -6.42
N GLN B 163 -4.51 -1.98 -5.47
CA GLN B 163 -5.22 -3.22 -5.13
C GLN B 163 -5.99 -3.78 -6.33
N LEU B 164 -6.71 -2.91 -7.03
CA LEU B 164 -7.53 -3.33 -8.16
C LEU B 164 -6.74 -3.74 -9.41
N PHE B 165 -5.67 -3.03 -9.71
CA PHE B 165 -4.99 -3.15 -11.00
C PHE B 165 -3.54 -3.63 -10.91
N GLY B 166 -2.94 -3.53 -9.72
CA GLY B 166 -1.53 -3.93 -9.54
C GLY B 166 -0.52 -2.91 -10.03
N LYS B 167 -1.01 -1.72 -10.36
CA LYS B 167 -0.15 -0.60 -10.70
C LYS B 167 -0.88 0.73 -10.46
N SER B 168 -0.14 1.81 -10.34
CA SER B 168 -0.73 3.13 -10.13
C SER B 168 -0.51 4.02 -11.35
N THR B 169 -1.45 4.95 -11.58
CA THR B 169 -1.37 5.89 -12.70
C THR B 169 -1.32 7.34 -12.22
N VAL B 170 -1.33 7.52 -10.90
CA VAL B 170 -1.13 8.81 -10.25
C VAL B 170 -0.16 8.56 -9.09
N LYS B 171 0.81 9.44 -8.94
CA LYS B 171 1.82 9.37 -7.88
C LYS B 171 1.69 10.64 -7.04
N MET B 172 1.92 10.50 -5.73
CA MET B 172 2.13 11.66 -4.84
C MET B 172 3.54 12.21 -5.01
N VAL B 173 3.60 13.53 -5.19
CA VAL B 173 4.84 14.25 -5.44
C VAL B 173 4.99 15.47 -4.54
N GLN B 174 6.22 15.73 -4.12
CA GLN B 174 6.48 16.91 -3.29
C GLN B 174 6.66 18.13 -4.17
N THR B 175 5.90 19.17 -3.87
CA THR B 175 6.05 20.47 -4.46
C THR B 175 6.46 21.42 -3.30
N PRO B 176 6.85 22.65 -3.62
CA PRO B 176 7.14 23.65 -2.56
C PRO B 176 5.94 23.95 -1.65
N TYR B 177 4.75 23.55 -2.08
CA TYR B 177 3.51 23.88 -1.42
C TYR B 177 2.90 22.67 -0.72
N GLY B 178 3.60 21.54 -0.73
CA GLY B 178 3.12 20.33 -0.13
C GLY B 178 3.16 19.11 -1.06
N ILE B 179 2.96 17.95 -0.47
CA ILE B 179 2.85 16.70 -1.24
C ILE B 179 1.44 16.60 -1.78
N VAL B 180 1.33 16.42 -3.09
CA VAL B 180 0.04 16.36 -3.79
C VAL B 180 0.11 15.30 -4.88
N PRO B 181 -1.07 14.83 -5.34
CA PRO B 181 -1.07 14.00 -6.51
C PRO B 181 -0.49 14.78 -7.70
N ASP B 182 0.25 14.08 -8.54
CA ASP B 182 0.93 14.71 -9.66
C ASP B 182 -0.03 15.48 -10.59
N VAL B 183 -1.29 15.06 -10.67
CA VAL B 183 -2.31 15.77 -11.47
C VAL B 183 -2.54 17.22 -11.01
N TYR B 184 -2.41 17.48 -9.70
CA TYR B 184 -2.51 18.84 -9.15
C TYR B 184 -1.26 19.67 -9.48
N GLU B 185 -0.11 19.03 -9.50
CA GLU B 185 1.13 19.71 -9.89
C GLU B 185 1.05 20.10 -11.36
N LYS B 186 0.58 19.18 -12.19
CA LYS B 186 0.44 19.44 -13.62
C LYS B 186 -0.55 20.57 -13.92
N GLU B 187 -1.68 20.55 -13.21
CA GLU B 187 -2.71 21.58 -13.34
C GLU B 187 -2.16 22.95 -12.96
N SER B 188 -1.25 23.03 -11.98
CA SER B 188 -0.69 24.33 -11.54
C SER B 188 0.20 25.02 -12.59
N ARG B 189 0.71 24.24 -13.55
CA ARG B 189 1.60 24.74 -14.61
C ARG B 189 0.90 24.97 -15.94
N HIS B 190 -0.41 24.72 -15.99
CA HIS B 190 -1.22 24.95 -17.18
C HIS B 190 -2.38 25.90 -16.90
P PO4 C . 20.70 -4.70 11.87
O1 PO4 C . 19.95 -4.16 10.68
O2 PO4 C . 22.19 -4.53 11.88
O3 PO4 C . 20.47 -6.21 11.96
O4 PO4 C . 20.14 -4.11 13.17
P PO4 D . -16.64 18.19 0.77
O1 PO4 D . -16.87 18.25 -0.74
O2 PO4 D . -15.53 19.24 1.00
O3 PO4 D . -16.12 16.84 1.14
O4 PO4 D . -17.89 18.59 1.44
#